data_3G9G
#
_entry.id   3G9G
#
_cell.length_a   52.940
_cell.length_b   97.950
_cell.length_c   138.580
_cell.angle_alpha   90.00
_cell.angle_beta   90.00
_cell.angle_gamma   90.00
#
_symmetry.space_group_name_H-M   'I 2 2 2'
#
loop_
_entity.id
_entity.type
_entity.pdbx_description
1 polymer 'Suppressor of yeast profilin deletion'
2 water water
#
_entity_poly.entity_id   1
_entity_poly.type   'polypeptide(L)'
_entity_poly.pdbx_seq_one_letter_code
;MGSSHHHHHHSSGLVPRGSHMASMTEQRTKYADSILTTKSPYEATETIRIRLSQVKLLNKDFYLLFKELANLKRNYAQQL
RKIIAENEDITKILNAQMIESNVLTPQEMSAFRFNSLGELRNVWDTVIEELKSDLKSSTEYYNTLDQQVVRELKESVENN
TSWRESKDLHSKLSKNAASIEHYSKNNENSSHLEEARRQWDQQSPYLFELFETIDYNRLDTLKNCMLRFQTSFSDYLLNT
TKECETVMTKFLAFEPQSEIDRFAKDASQYNFQLSSSSKEVVPNNAS
;
_entity_poly.pdbx_strand_id   A
#
# COMPACT_ATOMS: atom_id res chain seq x y z
N MET A 24 -6.21 30.77 -0.52
CA MET A 24 -7.38 31.33 -1.27
C MET A 24 -7.75 30.46 -2.48
N THR A 25 -8.99 30.59 -2.94
CA THR A 25 -9.47 29.79 -4.07
C THR A 25 -10.24 30.53 -5.17
N GLU A 26 -9.83 31.75 -5.51
CA GLU A 26 -10.56 32.49 -6.55
C GLU A 26 -10.13 32.13 -7.99
N GLN A 27 -9.20 31.19 -8.13
CA GLN A 27 -8.75 30.78 -9.46
C GLN A 27 -9.69 29.74 -10.07
N ARG A 28 -10.50 29.12 -9.22
CA ARG A 28 -11.46 28.09 -9.67
C ARG A 28 -12.74 28.74 -10.20
N THR A 29 -13.13 28.38 -11.42
CA THR A 29 -14.34 28.94 -12.00
C THR A 29 -15.07 27.93 -12.87
N LYS A 30 -14.40 26.84 -13.21
CA LYS A 30 -14.96 25.79 -14.05
C LYS A 30 -16.30 25.26 -13.54
N TYR A 31 -16.33 24.78 -12.31
CA TYR A 31 -17.56 24.23 -11.75
C TYR A 31 -18.63 25.31 -11.58
N ALA A 32 -18.22 26.50 -11.18
CA ALA A 32 -19.18 27.58 -11.01
C ALA A 32 -19.86 27.91 -12.34
N ASP A 33 -19.05 28.01 -13.39
CA ASP A 33 -19.57 28.34 -14.71
C ASP A 33 -20.38 27.22 -15.34
N SER A 34 -20.03 25.98 -15.01
CA SER A 34 -20.74 24.85 -15.61
C SER A 34 -21.92 24.33 -14.82
N ILE A 35 -21.83 24.43 -13.50
CA ILE A 35 -22.86 23.90 -12.64
C ILE A 35 -23.69 24.95 -11.91
N LEU A 36 -23.03 25.85 -11.19
CA LEU A 36 -23.71 26.90 -10.47
C LEU A 36 -24.58 27.72 -11.43
N THR A 37 -23.96 28.23 -12.47
CA THR A 37 -24.62 29.06 -13.45
C THR A 37 -25.74 28.41 -14.25
N THR A 38 -25.62 27.10 -14.47
CA THR A 38 -26.63 26.43 -15.29
C THR A 38 -27.73 25.69 -14.55
N LYS A 39 -27.83 25.88 -13.24
CA LYS A 39 -28.85 25.19 -12.47
C LYS A 39 -29.52 26.11 -11.47
N SER A 40 -30.67 25.68 -10.99
CA SER A 40 -31.41 26.39 -9.94
C SER A 40 -30.54 26.12 -8.71
N PRO A 41 -30.66 26.96 -7.68
CA PRO A 41 -29.87 26.75 -6.45
C PRO A 41 -29.95 25.34 -5.87
N TYR A 42 -31.15 24.80 -5.75
CA TYR A 42 -31.34 23.48 -5.19
C TYR A 42 -30.66 22.36 -5.99
N GLU A 43 -30.78 22.39 -7.30
CA GLU A 43 -30.15 21.37 -8.11
C GLU A 43 -28.64 21.46 -7.94
N ALA A 44 -28.13 22.70 -7.92
CA ALA A 44 -26.71 22.92 -7.76
C ALA A 44 -26.21 22.34 -6.44
N THR A 45 -26.94 22.58 -5.34
CA THR A 45 -26.50 22.06 -4.04
C THR A 45 -26.62 20.54 -4.00
N GLU A 46 -27.52 19.99 -4.80
CA GLU A 46 -27.67 18.54 -4.86
C GLU A 46 -26.47 17.96 -5.61
N THR A 47 -26.06 18.63 -6.70
CA THR A 47 -24.92 18.20 -7.49
C THR A 47 -23.69 18.09 -6.59
N ILE A 48 -23.44 19.12 -5.79
CA ILE A 48 -22.30 19.10 -4.87
C ILE A 48 -22.43 17.97 -3.85
N ARG A 49 -23.60 17.90 -3.21
CA ARG A 49 -23.88 16.86 -2.22
C ARG A 49 -23.50 15.48 -2.73
N ILE A 50 -24.08 15.10 -3.85
CA ILE A 50 -23.80 13.80 -4.42
C ILE A 50 -22.31 13.64 -4.78
N ARG A 51 -21.73 14.62 -5.47
CA ARG A 51 -20.32 14.54 -5.84
C ARG A 51 -19.34 14.45 -4.67
N LEU A 52 -19.56 15.25 -3.63
CA LEU A 52 -18.66 15.20 -2.49
C LEU A 52 -18.89 13.95 -1.64
N SER A 53 -20.10 13.40 -1.71
CA SER A 53 -20.38 12.18 -0.98
C SER A 53 -19.62 11.07 -1.68
N GLN A 54 -19.66 11.09 -3.02
CA GLN A 54 -18.96 10.06 -3.78
C GLN A 54 -17.45 10.15 -3.55
N VAL A 55 -16.95 11.36 -3.36
CA VAL A 55 -15.54 11.58 -3.11
C VAL A 55 -15.14 10.79 -1.86
N LYS A 56 -15.86 11.05 -0.77
CA LYS A 56 -15.62 10.41 0.50
C LYS A 56 -15.78 8.89 0.42
N LEU A 57 -16.79 8.42 -0.31
CA LEU A 57 -17.03 6.98 -0.46
C LEU A 57 -15.93 6.33 -1.31
N LEU A 58 -15.50 7.01 -2.36
CA LEU A 58 -14.46 6.47 -3.22
C LEU A 58 -13.13 6.37 -2.47
N ASN A 59 -12.81 7.36 -1.64
CA ASN A 59 -11.58 7.31 -0.87
C ASN A 59 -11.60 6.14 0.09
N LYS A 60 -12.78 5.83 0.60
CA LYS A 60 -12.95 4.72 1.51
C LYS A 60 -12.64 3.43 0.73
N ASP A 61 -13.06 3.38 -0.53
CA ASP A 61 -12.82 2.20 -1.35
C ASP A 61 -11.33 2.02 -1.67
N PHE A 62 -10.64 3.10 -2.02
CA PHE A 62 -9.23 3.00 -2.34
C PHE A 62 -8.44 2.62 -1.09
N TYR A 63 -8.80 3.24 0.03
CA TYR A 63 -8.14 2.97 1.29
C TYR A 63 -8.26 1.49 1.65
N LEU A 64 -9.49 0.99 1.71
CA LEU A 64 -9.71 -0.41 2.06
C LEU A 64 -9.00 -1.41 1.13
N LEU A 65 -9.02 -1.12 -0.16
CA LEU A 65 -8.35 -2.00 -1.13
C LEU A 65 -6.86 -2.08 -0.79
N PHE A 66 -6.23 -0.91 -0.63
CA PHE A 66 -4.81 -0.88 -0.33
C PHE A 66 -4.46 -1.29 1.08
N LYS A 67 -5.41 -1.16 2.00
CA LYS A 67 -5.11 -1.61 3.36
C LYS A 67 -5.02 -3.13 3.28
N GLU A 68 -5.83 -3.74 2.43
CA GLU A 68 -5.80 -5.19 2.27
C GLU A 68 -4.55 -5.65 1.54
N LEU A 69 -4.10 -4.88 0.55
CA LEU A 69 -2.88 -5.24 -0.18
C LEU A 69 -1.65 -5.14 0.73
N ALA A 70 -1.58 -4.09 1.53
CA ALA A 70 -0.46 -3.92 2.43
C ALA A 70 -0.50 -5.05 3.46
N ASN A 71 -1.69 -5.38 3.95
CA ASN A 71 -1.81 -6.46 4.93
C ASN A 71 -1.35 -7.78 4.32
N LEU A 72 -1.73 -8.02 3.06
CA LEU A 72 -1.34 -9.23 2.37
C LEU A 72 0.18 -9.33 2.31
N LYS A 73 0.81 -8.25 1.87
CA LYS A 73 2.27 -8.23 1.76
C LYS A 73 2.91 -8.35 3.14
N ARG A 74 2.24 -7.77 4.14
CA ARG A 74 2.74 -7.84 5.51
C ARG A 74 2.73 -9.27 6.02
N ASN A 75 1.60 -9.95 5.85
CA ASN A 75 1.48 -11.33 6.30
C ASN A 75 2.48 -12.23 5.56
N TYR A 76 2.58 -12.02 4.26
CA TYR A 76 3.52 -12.76 3.43
C TYR A 76 4.94 -12.61 3.97
N ALA A 77 5.31 -11.38 4.34
CA ALA A 77 6.64 -11.12 4.86
C ALA A 77 6.89 -11.81 6.18
N GLN A 78 5.83 -11.93 6.99
CA GLN A 78 5.92 -12.58 8.29
C GLN A 78 6.10 -14.08 8.11
N GLN A 79 5.31 -14.65 7.20
CA GLN A 79 5.38 -16.07 6.93
C GLN A 79 6.79 -16.44 6.41
N LEU A 80 7.33 -15.56 5.58
CA LEU A 80 8.66 -15.76 5.01
C LEU A 80 9.73 -15.63 6.09
N ARG A 81 9.57 -14.65 6.97
CA ARG A 81 10.52 -14.44 8.07
C ARG A 81 10.62 -15.73 8.89
N LYS A 82 9.48 -16.37 9.09
CA LYS A 82 9.41 -17.60 9.85
C LYS A 82 10.08 -18.77 9.10
N ILE A 83 9.81 -18.88 7.82
CA ILE A 83 10.40 -19.96 7.01
C ILE A 83 11.92 -19.86 7.02
N ILE A 84 12.41 -18.62 7.01
CA ILE A 84 13.83 -18.36 7.03
C ILE A 84 14.46 -18.79 8.36
N ALA A 85 13.89 -18.31 9.45
CA ALA A 85 14.37 -18.62 10.79
C ALA A 85 14.51 -20.11 11.01
N GLU A 86 13.53 -20.84 10.48
CA GLU A 86 13.47 -22.28 10.60
C GLU A 86 14.40 -23.07 9.68
N ASN A 87 14.92 -22.43 8.63
CA ASN A 87 15.77 -23.12 7.65
C ASN A 87 17.15 -22.53 7.38
N GLU A 88 17.54 -21.48 8.08
CA GLU A 88 18.83 -20.88 7.77
C GLU A 88 20.08 -21.63 8.20
N ASP A 89 20.02 -22.41 9.27
CA ASP A 89 21.21 -23.13 9.72
C ASP A 89 21.15 -24.60 9.31
N ILE A 90 21.65 -24.88 8.10
CA ILE A 90 21.63 -26.23 7.55
C ILE A 90 22.56 -27.17 8.32
N THR A 91 23.68 -26.64 8.80
CA THR A 91 24.62 -27.46 9.58
C THR A 91 23.90 -27.99 10.83
N LYS A 92 23.19 -27.09 11.49
CA LYS A 92 22.44 -27.40 12.70
C LYS A 92 21.28 -28.34 12.39
N ILE A 93 20.62 -28.12 11.26
CA ILE A 93 19.50 -28.96 10.89
C ILE A 93 19.97 -30.40 10.61
N LEU A 94 21.06 -30.54 9.86
CA LEU A 94 21.60 -31.86 9.53
C LEU A 94 22.10 -32.62 10.76
N ASN A 95 22.76 -31.93 11.67
CA ASN A 95 23.27 -32.58 12.87
C ASN A 95 22.13 -33.16 13.69
N ALA A 96 21.04 -32.40 13.84
CA ALA A 96 19.90 -32.84 14.60
C ALA A 96 19.22 -34.03 13.94
N GLN A 97 19.18 -34.03 12.61
CA GLN A 97 18.56 -35.14 11.89
C GLN A 97 19.35 -36.44 12.07
N MET A 98 20.68 -36.32 12.05
CA MET A 98 21.53 -37.50 12.18
C MET A 98 21.38 -38.15 13.56
N ILE A 99 21.28 -37.31 14.59
CA ILE A 99 21.10 -37.82 15.93
C ILE A 99 19.67 -38.38 16.08
N GLU A 100 18.70 -37.69 15.51
CA GLU A 100 17.31 -38.10 15.58
C GLU A 100 17.10 -39.42 14.83
N SER A 101 17.81 -39.60 13.73
CA SER A 101 17.69 -40.80 12.92
C SER A 101 18.73 -41.86 13.23
N ASN A 102 19.50 -41.66 14.29
CA ASN A 102 20.51 -42.62 14.71
C ASN A 102 21.59 -42.85 13.63
N VAL A 103 21.96 -41.83 12.88
CA VAL A 103 23.00 -42.04 11.87
C VAL A 103 24.33 -42.09 12.61
N LEU A 104 24.41 -41.29 13.67
CA LEU A 104 25.58 -41.21 14.52
C LEU A 104 25.04 -41.02 15.93
N THR A 105 25.72 -41.58 16.91
CA THR A 105 25.29 -41.44 18.30
C THR A 105 25.71 -40.05 18.74
N PRO A 106 25.11 -39.53 19.83
CA PRO A 106 25.46 -38.19 20.33
C PRO A 106 26.98 -38.10 20.51
N GLN A 107 27.56 -39.16 21.04
CA GLN A 107 29.00 -39.24 21.26
C GLN A 107 29.74 -39.07 19.94
N GLU A 108 29.44 -39.94 18.98
CA GLU A 108 30.10 -39.91 17.68
C GLU A 108 29.92 -38.56 17.01
N MET A 109 28.75 -37.94 17.20
CA MET A 109 28.46 -36.65 16.59
C MET A 109 29.39 -35.56 17.13
N SER A 110 29.56 -35.49 18.44
CA SER A 110 30.41 -34.49 19.04
C SER A 110 31.86 -34.59 18.55
N ALA A 111 32.27 -35.77 18.10
CA ALA A 111 33.63 -35.98 17.61
C ALA A 111 33.71 -35.97 16.07
N PHE A 112 32.56 -35.91 15.41
CA PHE A 112 32.51 -35.92 13.96
C PHE A 112 32.79 -34.55 13.36
N ARG A 113 34.00 -34.36 12.84
CA ARG A 113 34.42 -33.09 12.24
C ARG A 113 34.46 -33.14 10.72
N PHE A 114 33.85 -34.15 10.12
CA PHE A 114 33.86 -34.25 8.66
C PHE A 114 33.01 -33.20 7.97
N ASN A 115 33.48 -32.74 6.82
CA ASN A 115 32.75 -31.74 6.05
C ASN A 115 31.68 -32.50 5.27
N SER A 116 30.57 -32.76 5.94
CA SER A 116 29.47 -33.48 5.33
C SER A 116 28.75 -32.74 4.20
N LEU A 117 28.51 -31.45 4.39
CA LEU A 117 27.78 -30.66 3.40
C LEU A 117 28.54 -30.32 2.11
N GLY A 118 29.85 -30.17 2.21
CA GLY A 118 30.63 -29.83 1.04
C GLY A 118 30.07 -28.63 0.30
N GLU A 119 29.94 -28.75 -1.01
CA GLU A 119 29.44 -27.67 -1.83
C GLU A 119 27.95 -27.42 -1.70
N LEU A 120 27.23 -28.36 -1.10
CA LEU A 120 25.79 -28.18 -0.92
C LEU A 120 25.49 -27.09 0.11
N ARG A 121 26.47 -26.80 0.96
CA ARG A 121 26.32 -25.77 1.98
C ARG A 121 26.04 -24.41 1.33
N ASN A 122 26.84 -24.02 0.35
CA ASN A 122 26.63 -22.73 -0.33
C ASN A 122 25.36 -22.73 -1.18
N VAL A 123 25.02 -23.88 -1.78
CA VAL A 123 23.78 -23.95 -2.56
C VAL A 123 22.58 -23.63 -1.65
N TRP A 124 22.47 -24.37 -0.55
CA TRP A 124 21.41 -24.13 0.42
C TRP A 124 21.45 -22.67 0.88
N ASP A 125 22.63 -22.21 1.27
CA ASP A 125 22.80 -20.85 1.74
C ASP A 125 22.42 -19.81 0.70
N THR A 126 22.64 -20.15 -0.57
CA THR A 126 22.31 -19.24 -1.65
C THR A 126 20.80 -19.10 -1.72
N VAL A 127 20.07 -20.19 -1.47
CA VAL A 127 18.62 -20.12 -1.51
C VAL A 127 18.13 -19.23 -0.35
N ILE A 128 18.62 -19.49 0.85
CA ILE A 128 18.22 -18.70 2.02
C ILE A 128 18.50 -17.20 1.77
N GLU A 129 19.69 -16.88 1.31
CA GLU A 129 20.03 -15.49 1.02
C GLU A 129 18.95 -14.85 0.14
N GLU A 130 18.58 -15.53 -0.93
CA GLU A 130 17.55 -15.02 -1.84
C GLU A 130 16.27 -14.80 -1.05
N LEU A 131 15.93 -15.75 -0.19
CA LEU A 131 14.73 -15.62 0.64
C LEU A 131 14.86 -14.38 1.52
N LYS A 132 16.02 -14.20 2.15
CA LYS A 132 16.24 -13.03 3.00
C LYS A 132 16.18 -11.75 2.16
N SER A 133 16.84 -11.77 1.00
CA SER A 133 16.83 -10.61 0.12
C SER A 133 15.38 -10.25 -0.22
N ASP A 134 14.56 -11.28 -0.38
CA ASP A 134 13.16 -11.08 -0.68
C ASP A 134 12.46 -10.48 0.52
N LEU A 135 12.66 -11.09 1.69
CA LEU A 135 12.06 -10.62 2.92
C LEU A 135 12.33 -9.12 3.09
N LYS A 136 13.60 -8.73 2.97
CA LYS A 136 14.00 -7.34 3.10
C LYS A 136 13.30 -6.39 2.14
N SER A 137 13.21 -6.78 0.86
CA SER A 137 12.57 -5.95 -0.17
C SER A 137 11.07 -5.87 0.03
N SER A 138 10.48 -6.98 0.46
CA SER A 138 9.04 -7.04 0.70
C SER A 138 8.69 -6.12 1.87
N THR A 139 9.52 -6.15 2.91
CA THR A 139 9.31 -5.33 4.08
C THR A 139 9.31 -3.86 3.69
N GLU A 140 10.36 -3.45 2.97
CA GLU A 140 10.48 -2.07 2.51
C GLU A 140 9.24 -1.71 1.71
N TYR A 141 8.74 -2.68 0.96
CA TYR A 141 7.58 -2.47 0.13
C TYR A 141 6.30 -2.16 0.92
N TYR A 142 5.86 -3.07 1.77
CA TYR A 142 4.63 -2.81 2.53
C TYR A 142 4.81 -1.66 3.54
N ASN A 143 6.06 -1.39 3.93
CA ASN A 143 6.30 -0.28 4.84
C ASN A 143 5.88 0.98 4.11
N THR A 144 6.33 1.09 2.86
CA THR A 144 5.99 2.23 2.03
C THR A 144 4.50 2.29 1.79
N LEU A 145 3.88 1.14 1.55
CA LEU A 145 2.44 1.14 1.33
C LEU A 145 1.72 1.70 2.55
N ASP A 146 2.18 1.31 3.75
CA ASP A 146 1.55 1.77 4.98
C ASP A 146 1.65 3.29 5.18
N GLN A 147 2.87 3.79 5.13
CA GLN A 147 3.16 5.21 5.34
C GLN A 147 2.88 6.16 4.17
N GLN A 148 3.17 5.74 2.95
CA GLN A 148 3.00 6.61 1.78
C GLN A 148 1.70 6.48 0.99
N VAL A 149 0.96 5.40 1.20
CA VAL A 149 -0.27 5.18 0.46
C VAL A 149 -1.48 5.06 1.38
N VAL A 150 -1.57 3.94 2.10
CA VAL A 150 -2.69 3.67 3.00
C VAL A 150 -2.94 4.80 3.99
N ARG A 151 -1.89 5.37 4.55
CA ARG A 151 -2.04 6.45 5.51
C ARG A 151 -2.72 7.67 4.89
N GLU A 152 -2.20 8.13 3.75
CA GLU A 152 -2.76 9.29 3.07
C GLU A 152 -4.22 9.04 2.67
N LEU A 153 -4.53 7.82 2.24
CA LEU A 153 -5.89 7.50 1.84
C LEU A 153 -6.80 7.42 3.06
N LYS A 154 -6.23 7.16 4.24
CA LYS A 154 -7.01 7.08 5.45
C LYS A 154 -7.53 8.46 5.84
N GLU A 155 -6.64 9.44 5.86
CA GLU A 155 -6.99 10.81 6.21
C GLU A 155 -7.40 11.61 4.97
N SER A 156 -8.69 11.57 4.65
CA SER A 156 -9.21 12.26 3.47
C SER A 156 -10.23 13.37 3.78
N VAL A 157 -10.81 13.34 4.98
CA VAL A 157 -11.77 14.36 5.40
C VAL A 157 -11.26 15.04 6.66
N GLU A 158 -10.52 14.30 7.47
CA GLU A 158 -9.96 14.81 8.70
C GLU A 158 -8.71 15.66 8.46
N ASN A 159 -8.17 15.58 7.26
CA ASN A 159 -6.98 16.36 6.91
C ASN A 159 -7.34 17.57 6.06
N ASN A 160 -8.25 17.40 5.11
CA ASN A 160 -8.65 18.50 4.25
C ASN A 160 -9.43 19.53 5.06
N THR A 161 -8.80 20.66 5.34
CA THR A 161 -9.44 21.71 6.13
C THR A 161 -10.51 22.41 5.29
N SER A 162 -10.29 22.46 3.99
CA SER A 162 -11.23 23.08 3.07
C SER A 162 -12.53 22.28 3.11
N TRP A 163 -12.43 21.04 3.57
CA TRP A 163 -13.59 20.16 3.66
C TRP A 163 -14.47 20.57 4.83
N ARG A 164 -13.88 20.58 6.02
CA ARG A 164 -14.61 20.96 7.22
C ARG A 164 -15.28 22.31 7.01
N GLU A 165 -14.59 23.17 6.24
CA GLU A 165 -15.07 24.52 5.94
C GLU A 165 -16.26 24.54 4.97
N SER A 166 -16.12 23.85 3.85
CA SER A 166 -17.20 23.82 2.87
C SER A 166 -18.43 23.09 3.38
N LYS A 167 -18.27 22.26 4.39
CA LYS A 167 -19.43 21.54 4.94
C LYS A 167 -20.34 22.47 5.72
N ASP A 168 -19.76 23.46 6.38
CA ASP A 168 -20.55 24.42 7.15
C ASP A 168 -21.25 25.36 6.18
N LEU A 169 -20.55 25.71 5.11
CA LEU A 169 -21.09 26.61 4.09
C LEU A 169 -22.16 25.87 3.29
N HIS A 170 -21.83 24.66 2.85
CA HIS A 170 -22.74 23.85 2.07
C HIS A 170 -24.06 23.68 2.81
N SER A 171 -23.98 23.38 4.10
CA SER A 171 -25.18 23.19 4.90
C SER A 171 -26.01 24.47 4.94
N LYS A 172 -25.36 25.58 5.28
CA LYS A 172 -26.04 26.87 5.37
C LYS A 172 -26.70 27.24 4.04
N LEU A 173 -25.99 27.05 2.94
CA LEU A 173 -26.54 27.35 1.63
C LEU A 173 -27.57 26.32 1.17
N SER A 174 -27.40 25.08 1.61
CA SER A 174 -28.36 24.04 1.23
C SER A 174 -29.72 24.36 1.81
N LYS A 175 -29.76 24.97 2.99
CA LYS A 175 -31.05 25.30 3.56
C LYS A 175 -31.63 26.48 2.77
N ASN A 176 -30.77 27.39 2.30
CA ASN A 176 -31.22 28.52 1.49
C ASN A 176 -31.86 27.99 0.21
N ALA A 177 -31.12 27.12 -0.49
CA ALA A 177 -31.60 26.56 -1.75
C ALA A 177 -32.90 25.80 -1.55
N ALA A 178 -33.10 25.23 -0.37
CA ALA A 178 -34.32 24.49 -0.10
C ALA A 178 -35.47 25.47 0.07
N SER A 179 -35.23 26.57 0.77
CA SER A 179 -36.25 27.58 0.96
C SER A 179 -36.73 28.02 -0.42
N ILE A 180 -35.80 28.50 -1.24
CA ILE A 180 -36.09 28.96 -2.60
C ILE A 180 -36.88 27.93 -3.42
N GLU A 181 -36.44 26.67 -3.34
CA GLU A 181 -37.08 25.58 -4.05
C GLU A 181 -38.51 25.40 -3.49
N HIS A 182 -38.65 25.58 -2.17
CA HIS A 182 -39.95 25.45 -1.50
C HIS A 182 -40.92 26.50 -2.00
N TYR A 183 -40.47 27.75 -2.07
CA TYR A 183 -41.33 28.83 -2.54
C TYR A 183 -41.38 28.78 -4.07
N SER A 184 -42.21 27.86 -4.58
CA SER A 184 -42.41 27.67 -6.00
C SER A 184 -43.65 28.46 -6.42
N LYS A 185 -44.41 28.90 -5.41
CA LYS A 185 -45.61 29.68 -5.63
C LYS A 185 -45.66 30.86 -4.64
N ASN A 186 -46.19 30.61 -3.45
CA ASN A 186 -46.31 31.66 -2.43
C ASN A 186 -46.45 31.02 -1.05
N ASN A 187 -45.71 31.56 -0.08
CA ASN A 187 -45.76 31.05 1.30
C ASN A 187 -45.25 32.10 2.29
N GLU A 188 -45.23 31.73 3.57
CA GLU A 188 -44.77 32.61 4.68
C GLU A 188 -43.97 33.84 4.24
N ASN A 189 -44.70 34.90 3.90
CA ASN A 189 -44.13 36.16 3.45
C ASN A 189 -42.86 35.91 2.64
N SER A 190 -43.02 35.84 1.32
CA SER A 190 -41.91 35.59 0.40
C SER A 190 -40.72 36.54 0.57
N SER A 191 -40.67 37.23 1.70
CA SER A 191 -39.57 38.13 2.00
C SER A 191 -38.36 37.27 2.35
N HIS A 192 -38.62 35.98 2.60
CA HIS A 192 -37.56 35.02 2.91
C HIS A 192 -37.00 34.48 1.61
N LEU A 193 -37.90 34.31 0.64
CA LEU A 193 -37.51 33.82 -0.67
C LEU A 193 -36.55 34.83 -1.28
N GLU A 194 -36.56 36.04 -0.74
CA GLU A 194 -35.68 37.08 -1.25
C GLU A 194 -34.37 37.05 -0.46
N GLU A 195 -34.48 36.91 0.86
CA GLU A 195 -33.30 36.87 1.71
C GLU A 195 -32.45 35.63 1.38
N ALA A 196 -33.13 34.50 1.25
CA ALA A 196 -32.46 33.24 0.92
C ALA A 196 -31.68 33.35 -0.38
N ARG A 197 -32.29 33.98 -1.39
CA ARG A 197 -31.64 34.15 -2.69
C ARG A 197 -30.47 35.11 -2.61
N ARG A 198 -30.60 36.11 -1.76
CA ARG A 198 -29.55 37.12 -1.57
C ARG A 198 -28.35 36.42 -0.94
N GLN A 199 -28.61 35.67 0.12
CA GLN A 199 -27.56 34.92 0.80
C GLN A 199 -26.91 34.00 -0.21
N TRP A 200 -27.75 33.28 -0.96
CA TRP A 200 -27.28 32.36 -1.97
C TRP A 200 -26.38 33.03 -3.00
N ASP A 201 -26.82 34.14 -3.57
CA ASP A 201 -26.01 34.83 -4.57
C ASP A 201 -24.74 35.39 -3.97
N GLN A 202 -24.75 35.67 -2.68
CA GLN A 202 -23.57 36.23 -2.03
C GLN A 202 -22.47 35.20 -1.75
N GLN A 203 -22.85 33.97 -1.43
CA GLN A 203 -21.83 32.98 -1.10
C GLN A 203 -21.60 31.78 -2.02
N SER A 204 -22.59 31.44 -2.84
CA SER A 204 -22.44 30.30 -3.75
C SER A 204 -21.16 30.33 -4.61
N PRO A 205 -20.75 31.51 -5.11
CA PRO A 205 -19.53 31.51 -5.93
C PRO A 205 -18.36 30.93 -5.15
N TYR A 206 -18.30 31.29 -3.88
CA TYR A 206 -17.26 30.82 -2.99
C TYR A 206 -17.46 29.34 -2.66
N LEU A 207 -18.71 28.91 -2.49
CA LEU A 207 -18.96 27.51 -2.21
C LEU A 207 -18.42 26.70 -3.39
N PHE A 208 -18.69 27.16 -4.58
CA PHE A 208 -18.21 26.44 -5.75
C PHE A 208 -16.70 26.44 -5.90
N GLU A 209 -16.05 27.53 -5.50
CA GLU A 209 -14.60 27.58 -5.56
C GLU A 209 -14.04 26.47 -4.66
N LEU A 210 -14.64 26.30 -3.48
CA LEU A 210 -14.21 25.26 -2.57
C LEU A 210 -14.50 23.89 -3.18
N PHE A 211 -15.73 23.73 -3.64
CA PHE A 211 -16.15 22.48 -4.26
C PHE A 211 -15.11 22.01 -5.27
N GLU A 212 -14.74 22.87 -6.20
CA GLU A 212 -13.75 22.48 -7.19
C GLU A 212 -12.36 22.23 -6.59
N THR A 213 -11.96 23.05 -5.62
CA THR A 213 -10.66 22.88 -4.97
C THR A 213 -10.54 21.51 -4.32
N ILE A 214 -11.59 21.11 -3.60
CA ILE A 214 -11.62 19.82 -2.95
C ILE A 214 -11.51 18.68 -3.97
N ASP A 215 -12.28 18.78 -5.05
CA ASP A 215 -12.24 17.75 -6.06
C ASP A 215 -10.84 17.64 -6.68
N TYR A 216 -10.19 18.78 -6.89
CA TYR A 216 -8.85 18.77 -7.47
C TYR A 216 -7.86 18.07 -6.54
N ASN A 217 -7.95 18.41 -5.27
CA ASN A 217 -7.04 17.86 -4.29
C ASN A 217 -7.20 16.37 -4.07
N ARG A 218 -8.43 15.88 -4.00
CA ARG A 218 -8.60 14.44 -3.80
C ARG A 218 -8.13 13.70 -5.06
N LEU A 219 -8.31 14.32 -6.23
CA LEU A 219 -7.88 13.70 -7.48
C LEU A 219 -6.36 13.64 -7.56
N ASP A 220 -5.69 14.71 -7.14
CA ASP A 220 -4.24 14.73 -7.16
C ASP A 220 -3.74 13.76 -6.10
N THR A 221 -4.46 13.71 -4.98
CA THR A 221 -4.08 12.78 -3.91
C THR A 221 -4.07 11.37 -4.45
N LEU A 222 -5.18 10.97 -5.08
CA LEU A 222 -5.29 9.62 -5.63
C LEU A 222 -4.18 9.33 -6.64
N LYS A 223 -3.96 10.23 -7.59
CA LYS A 223 -2.89 10.01 -8.57
C LYS A 223 -1.53 9.81 -7.89
N ASN A 224 -1.19 10.66 -6.92
CA ASN A 224 0.09 10.50 -6.22
C ASN A 224 0.16 9.19 -5.44
N CYS A 225 -0.91 8.85 -4.74
CA CYS A 225 -0.93 7.61 -3.99
C CYS A 225 -0.71 6.41 -4.93
N MET A 226 -1.42 6.41 -6.05
CA MET A 226 -1.28 5.33 -7.01
C MET A 226 0.13 5.27 -7.60
N LEU A 227 0.67 6.43 -7.97
CA LEU A 227 2.02 6.44 -8.52
C LEU A 227 2.99 5.97 -7.43
N ARG A 228 2.83 6.47 -6.20
CA ARG A 228 3.67 6.06 -5.08
C ARG A 228 3.56 4.54 -4.95
N PHE A 229 2.36 4.01 -5.16
CA PHE A 229 2.15 2.57 -5.13
C PHE A 229 2.98 1.91 -6.23
N GLN A 230 2.79 2.35 -7.47
CA GLN A 230 3.55 1.78 -8.58
C GLN A 230 5.06 1.83 -8.41
N THR A 231 5.57 2.98 -8.00
CA THR A 231 7.01 3.16 -7.81
C THR A 231 7.59 2.18 -6.79
N SER A 232 6.96 2.07 -5.63
CA SER A 232 7.47 1.15 -4.61
C SER A 232 7.32 -0.28 -5.12
N PHE A 233 6.22 -0.58 -5.80
CA PHE A 233 6.04 -1.92 -6.32
C PHE A 233 7.14 -2.15 -7.35
N SER A 234 7.36 -1.14 -8.19
CA SER A 234 8.39 -1.23 -9.21
C SER A 234 9.79 -1.42 -8.62
N ASP A 235 10.07 -0.75 -7.50
CA ASP A 235 11.38 -0.88 -6.85
C ASP A 235 11.51 -2.32 -6.34
N TYR A 236 10.45 -2.82 -5.73
CA TYR A 236 10.44 -4.18 -5.21
C TYR A 236 10.91 -5.14 -6.30
N LEU A 237 10.25 -5.06 -7.44
CA LEU A 237 10.57 -5.93 -8.57
C LEU A 237 12.00 -5.78 -9.07
N LEU A 238 12.46 -4.55 -9.19
CA LEU A 238 13.81 -4.30 -9.70
C LEU A 238 14.88 -4.93 -8.80
N ASN A 239 14.75 -4.75 -7.50
CA ASN A 239 15.73 -5.31 -6.58
C ASN A 239 15.63 -6.83 -6.53
N THR A 240 14.41 -7.36 -6.63
CA THR A 240 14.24 -8.80 -6.58
C THR A 240 14.82 -9.41 -7.86
N THR A 241 14.73 -8.67 -8.96
CA THR A 241 15.27 -9.13 -10.22
C THR A 241 16.79 -9.26 -10.12
N LYS A 242 17.44 -8.25 -9.56
CA LYS A 242 18.89 -8.27 -9.42
C LYS A 242 19.29 -9.53 -8.66
N GLU A 243 18.69 -9.71 -7.49
CA GLU A 243 18.95 -10.86 -6.65
C GLU A 243 18.75 -12.15 -7.44
N CYS A 244 17.68 -12.19 -8.21
CA CYS A 244 17.35 -13.36 -9.02
C CYS A 244 18.44 -13.65 -10.05
N GLU A 245 19.03 -12.60 -10.61
CA GLU A 245 20.06 -12.75 -11.63
C GLU A 245 21.33 -13.39 -11.07
N THR A 246 21.79 -12.88 -9.93
CA THR A 246 23.00 -13.40 -9.30
C THR A 246 22.78 -14.84 -8.82
N VAL A 247 21.65 -15.09 -8.18
CA VAL A 247 21.31 -16.42 -7.69
C VAL A 247 21.39 -17.43 -8.85
N MET A 248 20.85 -17.03 -10.00
CA MET A 248 20.85 -17.86 -11.18
C MET A 248 22.29 -18.17 -11.56
N THR A 249 23.12 -17.15 -11.56
CA THR A 249 24.53 -17.31 -11.90
C THR A 249 25.19 -18.36 -11.00
N LYS A 250 24.97 -18.27 -9.70
CA LYS A 250 25.56 -19.23 -8.77
C LYS A 250 25.05 -20.65 -9.04
N PHE A 251 23.74 -20.81 -9.20
CA PHE A 251 23.17 -22.13 -9.47
C PHE A 251 23.77 -22.76 -10.74
N LEU A 252 23.92 -21.96 -11.79
CA LEU A 252 24.48 -22.44 -13.04
C LEU A 252 25.95 -22.84 -12.88
N ALA A 253 26.63 -22.22 -11.92
CA ALA A 253 28.04 -22.49 -11.68
C ALA A 253 28.27 -23.78 -10.89
N PHE A 254 27.25 -24.22 -10.16
CA PHE A 254 27.38 -25.45 -9.39
C PHE A 254 27.54 -26.65 -10.32
N GLU A 255 28.48 -27.54 -9.98
CA GLU A 255 28.74 -28.73 -10.78
C GLU A 255 28.76 -30.01 -9.95
N PRO A 256 27.77 -30.89 -10.12
CA PRO A 256 27.71 -32.15 -9.38
C PRO A 256 29.09 -32.83 -9.31
N GLN A 257 29.76 -32.86 -10.47
CA GLN A 257 31.08 -33.46 -10.62
C GLN A 257 32.05 -32.88 -9.60
N SER A 258 31.97 -31.58 -9.39
CA SER A 258 32.85 -30.93 -8.44
C SER A 258 32.63 -31.47 -7.02
N GLU A 259 31.38 -31.62 -6.60
CA GLU A 259 31.07 -32.13 -5.27
C GLU A 259 31.51 -33.60 -5.19
N ILE A 260 31.38 -34.32 -6.29
CA ILE A 260 31.78 -35.72 -6.33
C ILE A 260 33.29 -35.79 -6.00
N ASP A 261 34.10 -35.02 -6.72
CA ASP A 261 35.54 -35.00 -6.50
C ASP A 261 35.86 -34.54 -5.09
N ARG A 262 35.20 -33.48 -4.65
CA ARG A 262 35.42 -32.93 -3.34
C ARG A 262 35.14 -33.97 -2.26
N PHE A 263 34.11 -34.77 -2.44
CA PHE A 263 33.78 -35.79 -1.44
C PHE A 263 34.80 -36.93 -1.51
N ALA A 264 35.18 -37.32 -2.72
CA ALA A 264 36.15 -38.40 -2.89
C ALA A 264 37.45 -38.05 -2.13
N LYS A 265 37.92 -36.81 -2.28
CA LYS A 265 39.14 -36.37 -1.60
C LYS A 265 38.96 -36.29 -0.09
N ASP A 266 37.97 -35.51 0.35
CA ASP A 266 37.73 -35.35 1.78
C ASP A 266 37.55 -36.67 2.52
N ALA A 267 36.77 -37.58 1.95
CA ALA A 267 36.54 -38.88 2.56
C ALA A 267 37.80 -39.74 2.63
N SER A 268 38.63 -39.66 1.59
CA SER A 268 39.85 -40.44 1.56
C SER A 268 40.80 -40.03 2.70
N GLN A 269 40.58 -38.82 3.23
CA GLN A 269 41.38 -38.28 4.31
C GLN A 269 40.77 -38.39 5.70
N TYR A 270 39.48 -38.70 5.77
CA TYR A 270 38.83 -38.79 7.07
C TYR A 270 38.61 -40.24 7.48
N ASN A 271 38.82 -40.53 8.75
CA ASN A 271 38.61 -41.89 9.26
C ASN A 271 37.19 -41.99 9.76
N PHE A 272 36.37 -42.78 9.09
CA PHE A 272 34.97 -42.94 9.46
C PHE A 272 34.64 -43.97 10.52
N GLN A 273 35.65 -44.55 11.16
CA GLN A 273 35.38 -45.53 12.20
C GLN A 273 35.52 -44.90 13.58
#